data_2G43
#
_entry.id   2G43
#
_cell.length_a   61.380
_cell.length_b   86.180
_cell.length_c   59.900
_cell.angle_alpha   90.00
_cell.angle_beta   99.29
_cell.angle_gamma   90.00
#
_symmetry.space_group_name_H-M   'C 1 2 1'
#
loop_
_entity.id
_entity.type
_entity.pdbx_description
1 polymer 'Ubiquitin carboxyl-terminal hydrolase 5'
2 non-polymer 'ZINC ION'
3 non-polymer 'UNKNOWN ATOM OR ION'
4 water water
#
_entity_poly.entity_id   1
_entity_poly.type   'polypeptide(L)'
_entity_poly.pdbx_seq_one_letter_code
;KQEVQAWDGEVRQVSKHAFSLKQLDNPARIPPCGWKCSKCDMRENLWLNLTDGSILCGRRYFDGSGGNNHAVEHYRETGY
PLAVKLGTITPDGADVYSYDEDDMVLDPSLAEHLSHFGIDMLKMQKTDK
;
_entity_poly.pdbx_strand_id   A,B
#
# COMPACT_ATOMS: atom_id res chain seq x y z
N TRP A 7 10.18 -14.90 6.71
CA TRP A 7 11.23 -13.84 6.87
C TRP A 7 12.55 -14.46 7.30
N ASP A 8 13.21 -15.14 6.35
CA ASP A 8 14.49 -15.79 6.61
C ASP A 8 14.29 -16.99 7.55
N GLY A 9 15.31 -17.86 7.59
CA GLY A 9 15.32 -19.06 8.44
C GLY A 9 15.77 -20.28 7.67
N GLU A 10 16.32 -20.07 6.47
CA GLU A 10 16.77 -21.19 5.66
C GLU A 10 17.90 -20.84 4.72
N VAL A 11 18.46 -21.87 4.07
CA VAL A 11 19.54 -21.69 3.12
C VAL A 11 19.10 -22.18 1.75
N ARG A 12 18.51 -21.28 0.97
CA ARG A 12 18.03 -21.60 -0.36
C ARG A 12 19.14 -21.47 -1.40
N GLN A 13 19.10 -22.32 -2.42
CA GLN A 13 20.10 -22.29 -3.48
C GLN A 13 19.89 -21.14 -4.46
N VAL A 14 20.94 -20.83 -5.21
CA VAL A 14 20.88 -19.77 -6.20
C VAL A 14 20.18 -20.30 -7.42
N SER A 15 19.17 -19.59 -7.91
CA SER A 15 18.45 -20.04 -9.08
C SER A 15 19.35 -19.94 -10.31
N LYS A 16 19.27 -20.94 -11.18
CA LYS A 16 20.07 -20.95 -12.38
C LYS A 16 19.58 -19.88 -13.35
N HIS A 17 18.42 -19.28 -13.08
CA HIS A 17 17.85 -18.24 -13.93
C HIS A 17 18.17 -16.84 -13.46
N ALA A 18 18.52 -16.72 -12.18
CA ALA A 18 18.80 -15.42 -11.57
C ALA A 18 19.75 -14.50 -12.32
N PHE A 19 20.95 -14.99 -12.63
CA PHE A 19 21.93 -14.17 -13.33
C PHE A 19 21.47 -13.67 -14.70
N SER A 20 20.92 -14.57 -15.52
CA SER A 20 20.50 -14.19 -16.87
C SER A 20 19.01 -13.97 -17.05
N LEU A 21 18.32 -13.60 -15.99
CA LEU A 21 16.88 -13.36 -16.05
C LEU A 21 16.53 -12.22 -16.98
N LYS A 22 15.68 -12.49 -17.96
CA LYS A 22 15.25 -11.47 -18.91
C LYS A 22 13.97 -10.79 -18.42
N GLN A 23 13.99 -9.47 -18.36
CA GLN A 23 12.81 -8.71 -17.92
C GLN A 23 12.28 -7.86 -19.06
N LEU A 24 11.01 -8.04 -19.39
CA LEU A 24 10.38 -7.30 -20.48
C LEU A 24 10.34 -5.79 -20.28
N ASP A 25 10.34 -5.05 -21.39
CA ASP A 25 10.31 -3.59 -21.35
C ASP A 25 8.93 -3.06 -20.98
N ASN A 26 8.88 -1.79 -20.60
CA ASN A 26 7.64 -1.13 -20.21
C ASN A 26 6.92 -1.86 -19.07
N PRO A 27 7.63 -2.14 -17.97
CA PRO A 27 7.00 -2.81 -16.83
C PRO A 27 6.07 -1.86 -16.11
N ALA A 28 5.06 -2.40 -15.45
CA ALA A 28 4.13 -1.58 -14.70
C ALA A 28 4.81 -1.16 -13.41
N ARG A 29 4.26 -0.16 -12.75
CA ARG A 29 4.78 0.20 -11.45
C ARG A 29 4.04 -0.54 -10.34
N ILE A 30 4.70 -1.49 -9.72
CA ILE A 30 4.04 -2.30 -8.72
C ILE A 30 3.99 -1.62 -7.35
N PRO A 31 2.78 -1.24 -6.90
CA PRO A 31 2.61 -0.57 -5.61
C PRO A 31 3.10 -1.43 -4.44
N PRO A 32 3.30 -0.81 -3.27
CA PRO A 32 3.77 -1.56 -2.09
C PRO A 32 2.71 -2.27 -1.25
N CYS A 33 1.45 -2.20 -1.66
CA CYS A 33 0.35 -2.84 -0.90
C CYS A 33 -0.91 -2.87 -1.77
N GLY A 34 -1.93 -3.59 -1.28
CA GLY A 34 -3.22 -3.66 -1.94
C GLY A 34 -3.33 -4.32 -3.31
N TRP A 35 -2.58 -5.39 -3.54
CA TRP A 35 -2.61 -6.08 -4.83
C TRP A 35 -3.79 -7.04 -4.91
N LYS A 36 -4.06 -7.54 -6.11
CA LYS A 36 -5.16 -8.48 -6.34
C LYS A 36 -4.78 -9.36 -7.53
N CYS A 37 -5.14 -10.63 -7.49
CA CYS A 37 -4.85 -11.49 -8.63
C CYS A 37 -5.57 -10.87 -9.80
N SER A 38 -4.89 -10.75 -10.94
CA SER A 38 -5.51 -10.15 -12.10
C SER A 38 -6.57 -11.06 -12.73
N LYS A 39 -6.65 -12.31 -12.27
CA LYS A 39 -7.62 -13.25 -12.83
C LYS A 39 -8.71 -13.74 -11.88
N CYS A 40 -8.62 -13.38 -10.60
CA CYS A 40 -9.65 -13.76 -9.64
C CYS A 40 -9.71 -12.71 -8.53
N ASP A 41 -10.43 -12.99 -7.46
CA ASP A 41 -10.56 -12.02 -6.39
C ASP A 41 -9.63 -12.17 -5.18
N MET A 42 -8.65 -13.04 -5.27
CA MET A 42 -7.73 -13.20 -4.15
C MET A 42 -6.87 -11.97 -3.91
N ARG A 43 -6.70 -11.62 -2.64
CA ARG A 43 -5.91 -10.48 -2.24
C ARG A 43 -4.70 -10.91 -1.42
N GLU A 44 -4.64 -12.21 -1.14
CA GLU A 44 -3.54 -12.78 -0.37
C GLU A 44 -2.87 -13.88 -1.19
N ASN A 45 -1.65 -14.23 -0.81
CA ASN A 45 -0.90 -15.28 -1.50
C ASN A 45 -0.79 -14.94 -2.98
N LEU A 46 -0.32 -13.74 -3.25
CA LEU A 46 -0.15 -13.26 -4.61
C LEU A 46 1.32 -13.28 -5.01
N TRP A 47 1.57 -13.62 -6.26
CA TRP A 47 2.93 -13.69 -6.76
C TRP A 47 3.20 -12.79 -7.96
N LEU A 48 4.29 -12.04 -7.87
CA LEU A 48 4.72 -11.14 -8.93
C LEU A 48 5.76 -11.85 -9.78
N ASN A 49 5.44 -12.10 -11.05
CA ASN A 49 6.40 -12.78 -11.91
C ASN A 49 7.49 -11.76 -12.28
N LEU A 50 8.74 -12.08 -11.96
CA LEU A 50 9.86 -11.17 -12.22
C LEU A 50 10.15 -10.85 -13.69
N THR A 51 9.57 -11.59 -14.61
CA THR A 51 9.80 -11.32 -16.01
C THR A 51 8.80 -10.31 -16.61
N ASP A 52 7.50 -10.54 -16.46
CA ASP A 52 6.49 -9.65 -17.03
C ASP A 52 5.68 -8.82 -16.04
N GLY A 53 5.98 -8.94 -14.76
CA GLY A 53 5.26 -8.16 -13.78
C GLY A 53 3.82 -8.55 -13.49
N SER A 54 3.39 -9.70 -13.99
CA SER A 54 2.02 -10.15 -13.72
C SER A 54 1.87 -10.47 -12.23
N ILE A 55 0.68 -10.24 -11.67
CA ILE A 55 0.39 -10.51 -10.26
C ILE A 55 -0.74 -11.54 -10.28
N LEU A 56 -0.44 -12.75 -9.82
CA LEU A 56 -1.41 -13.85 -9.84
C LEU A 56 -1.34 -14.71 -8.56
N CYS A 57 -2.46 -15.32 -8.20
CA CYS A 57 -2.53 -16.11 -6.97
C CYS A 57 -1.73 -17.42 -6.94
N GLY A 58 -1.36 -17.83 -5.73
CA GLY A 58 -0.58 -19.04 -5.54
C GLY A 58 -1.30 -20.32 -5.95
N ARG A 59 -0.54 -21.41 -6.01
CA ARG A 59 -1.10 -22.68 -6.42
C ARG A 59 -2.06 -23.27 -5.38
N ARG A 60 -2.92 -24.17 -5.84
CA ARG A 60 -3.87 -24.84 -4.97
C ARG A 60 -3.14 -26.12 -4.53
N TYR A 61 -3.02 -26.31 -3.22
CA TYR A 61 -2.36 -27.51 -2.73
C TYR A 61 -3.36 -28.65 -2.70
N PHE A 62 -2.86 -29.88 -2.68
CA PHE A 62 -3.72 -31.03 -2.67
C PHE A 62 -4.59 -31.20 -1.43
N ASP A 63 -4.29 -30.44 -0.37
CA ASP A 63 -5.10 -30.54 0.83
C ASP A 63 -6.23 -29.49 0.76
N GLY A 64 -6.29 -28.78 -0.36
CA GLY A 64 -7.32 -27.78 -0.53
C GLY A 64 -6.94 -26.35 -0.19
N SER A 65 -5.80 -26.15 0.46
CA SER A 65 -5.37 -24.80 0.83
C SER A 65 -4.70 -24.12 -0.37
N GLY A 66 -4.18 -22.91 -0.16
CA GLY A 66 -3.52 -22.18 -1.24
C GLY A 66 -4.45 -21.30 -2.06
N GLY A 67 -3.96 -20.86 -3.22
CA GLY A 67 -4.75 -19.98 -4.08
C GLY A 67 -5.50 -20.69 -5.19
N ASN A 68 -5.63 -20.05 -6.35
CA ASN A 68 -6.34 -20.66 -7.47
C ASN A 68 -5.50 -21.06 -8.68
N ASN A 69 -4.21 -21.28 -8.45
CA ASN A 69 -3.30 -21.74 -9.52
C ASN A 69 -3.06 -20.81 -10.70
N HIS A 70 -3.50 -19.56 -10.59
CA HIS A 70 -3.34 -18.65 -11.71
C HIS A 70 -1.88 -18.34 -12.06
N ALA A 71 -1.02 -18.22 -11.06
CA ALA A 71 0.38 -17.95 -11.35
C ALA A 71 1.00 -19.14 -12.08
N VAL A 72 0.74 -20.35 -11.60
CA VAL A 72 1.30 -21.53 -12.25
C VAL A 72 0.76 -21.73 -13.65
N GLU A 73 -0.54 -21.47 -13.84
CA GLU A 73 -1.17 -21.60 -15.16
C GLU A 73 -0.49 -20.61 -16.10
N HIS A 74 -0.15 -19.44 -15.55
CA HIS A 74 0.52 -18.41 -16.34
C HIS A 74 1.90 -18.93 -16.74
N TYR A 75 2.57 -19.60 -15.82
CA TYR A 75 3.90 -20.16 -16.12
C TYR A 75 3.84 -21.18 -17.25
N ARG A 76 2.86 -22.07 -17.21
CA ARG A 76 2.72 -23.09 -18.25
C ARG A 76 2.60 -22.47 -19.65
N GLU A 77 2.09 -21.24 -19.72
CA GLU A 77 1.93 -20.57 -20.99
C GLU A 77 3.11 -19.71 -21.42
N THR A 78 3.82 -19.12 -20.46
CA THR A 78 4.93 -18.23 -20.81
C THR A 78 6.33 -18.80 -20.61
N GLY A 79 6.48 -19.68 -19.63
CA GLY A 79 7.80 -20.22 -19.36
C GLY A 79 8.64 -19.28 -18.52
N TYR A 80 8.03 -18.20 -18.03
CA TYR A 80 8.74 -17.23 -17.18
C TYR A 80 8.86 -17.90 -15.81
N PRO A 81 10.07 -18.38 -15.48
CA PRO A 81 10.39 -19.09 -14.25
C PRO A 81 10.31 -18.47 -12.85
N LEU A 82 10.70 -17.21 -12.71
CA LEU A 82 10.74 -16.63 -11.37
C LEU A 82 9.60 -15.73 -10.93
N ALA A 83 9.19 -15.91 -9.69
CA ALA A 83 8.14 -15.10 -9.11
C ALA A 83 8.46 -14.85 -7.64
N VAL A 84 8.13 -13.65 -7.16
CA VAL A 84 8.38 -13.31 -5.76
C VAL A 84 7.03 -13.12 -5.08
N LYS A 85 6.92 -13.60 -3.84
CA LYS A 85 5.66 -13.47 -3.12
C LYS A 85 5.49 -12.05 -2.58
N LEU A 86 4.42 -11.39 -3.02
CA LEU A 86 4.16 -10.04 -2.57
C LEU A 86 3.82 -10.06 -1.09
N GLY A 87 4.41 -9.16 -0.34
CA GLY A 87 4.15 -9.12 1.09
C GLY A 87 5.23 -9.84 1.86
N THR A 88 6.28 -10.26 1.16
CA THR A 88 7.39 -10.95 1.81
C THR A 88 8.68 -10.19 1.54
N ILE A 89 8.55 -9.10 0.78
CA ILE A 89 9.70 -8.30 0.43
C ILE A 89 10.12 -7.34 1.54
N THR A 90 11.25 -7.63 2.16
CA THR A 90 11.77 -6.79 3.23
C THR A 90 13.10 -6.25 2.74
N PRO A 91 13.55 -5.12 3.31
CA PRO A 91 14.82 -4.53 2.89
C PRO A 91 15.97 -5.52 2.75
N ASP A 92 15.81 -6.72 3.30
CA ASP A 92 16.86 -7.72 3.24
C ASP A 92 16.66 -8.80 2.18
N GLY A 93 15.41 -9.16 1.90
CA GLY A 93 15.15 -10.20 0.90
C GLY A 93 13.68 -10.47 0.71
N ALA A 94 13.34 -11.65 0.21
CA ALA A 94 11.95 -12.01 -0.01
C ALA A 94 11.83 -13.46 -0.43
N ASP A 95 10.60 -13.97 -0.50
CA ASP A 95 10.38 -15.35 -0.90
C ASP A 95 10.29 -15.42 -2.42
N VAL A 96 11.30 -16.04 -3.04
CA VAL A 96 11.36 -16.20 -4.49
C VAL A 96 11.18 -17.68 -4.85
N TYR A 97 10.28 -17.94 -5.79
CA TYR A 97 10.02 -19.31 -6.22
C TYR A 97 10.33 -19.52 -7.69
N SER A 98 10.90 -20.67 -8.02
CA SER A 98 11.24 -20.99 -9.40
C SER A 98 10.37 -22.17 -9.84
N TYR A 99 9.50 -21.93 -10.82
CA TYR A 99 8.62 -22.97 -11.34
C TYR A 99 9.44 -24.05 -12.03
N ASP A 100 10.47 -23.60 -12.75
CA ASP A 100 11.38 -24.47 -13.49
C ASP A 100 12.05 -25.48 -12.55
N GLU A 101 12.68 -24.97 -11.51
CA GLU A 101 13.37 -25.81 -10.54
C GLU A 101 12.45 -26.34 -9.44
N ASP A 102 11.18 -25.94 -9.51
CA ASP A 102 10.16 -26.34 -8.54
C ASP A 102 10.69 -26.26 -7.11
N ASP A 103 11.08 -25.06 -6.69
CA ASP A 103 11.60 -24.89 -5.35
C ASP A 103 11.86 -23.42 -5.00
N MET A 104 11.88 -23.11 -3.70
CA MET A 104 12.16 -21.76 -3.27
C MET A 104 13.65 -21.55 -3.57
N VAL A 105 14.00 -20.39 -4.11
CA VAL A 105 15.38 -20.12 -4.47
C VAL A 105 15.91 -18.76 -4.02
N LEU A 106 17.19 -18.55 -4.25
CA LEU A 106 17.83 -17.28 -3.91
C LEU A 106 18.19 -16.59 -5.22
N ASP A 107 17.82 -15.31 -5.32
CA ASP A 107 18.12 -14.52 -6.50
C ASP A 107 19.08 -13.42 -6.06
N PRO A 108 20.38 -13.62 -6.28
CA PRO A 108 21.35 -12.61 -5.87
C PRO A 108 21.16 -11.26 -6.57
N SER A 109 20.33 -11.23 -7.61
CA SER A 109 20.10 -10.00 -8.34
C SER A 109 18.69 -9.47 -8.08
N LEU A 110 18.09 -9.90 -6.97
CA LEU A 110 16.74 -9.49 -6.63
C LEU A 110 16.56 -7.98 -6.56
N ALA A 111 17.50 -7.29 -5.91
CA ALA A 111 17.41 -5.84 -5.79
C ALA A 111 17.17 -5.22 -7.17
N GLU A 112 18.02 -5.59 -8.12
CA GLU A 112 17.92 -5.09 -9.48
C GLU A 112 16.59 -5.51 -10.12
N HIS A 113 16.27 -6.80 -10.05
CA HIS A 113 15.04 -7.32 -10.63
C HIS A 113 13.76 -6.67 -10.09
N LEU A 114 13.78 -6.26 -8.83
CA LEU A 114 12.62 -5.59 -8.23
C LEU A 114 12.60 -4.12 -8.62
N SER A 115 13.79 -3.53 -8.71
CA SER A 115 13.92 -2.13 -9.09
C SER A 115 13.26 -1.94 -10.45
N HIS A 116 13.34 -2.97 -11.29
CA HIS A 116 12.75 -2.95 -12.62
C HIS A 116 11.29 -2.52 -12.54
N PHE A 117 10.61 -2.93 -11.47
CA PHE A 117 9.19 -2.60 -11.30
C PHE A 117 8.91 -1.40 -10.40
N GLY A 118 9.96 -0.66 -10.05
CA GLY A 118 9.78 0.50 -9.20
C GLY A 118 9.62 0.07 -7.74
N ILE A 119 10.18 -1.08 -7.41
CA ILE A 119 10.11 -1.60 -6.05
C ILE A 119 11.46 -1.42 -5.37
N ASP A 120 11.54 -0.43 -4.49
CA ASP A 120 12.78 -0.20 -3.77
C ASP A 120 12.76 -1.10 -2.55
N MET A 121 13.74 -2.00 -2.46
CA MET A 121 13.80 -2.92 -1.34
C MET A 121 14.09 -2.20 -0.03
N LEU A 122 13.60 -1.04 0.13
CA LEU A 122 13.63 -0.24 1.36
C LEU A 122 12.25 0.33 1.70
N LYS A 123 11.41 -0.73 1.64
CA LYS A 123 9.96 -0.62 1.71
C LYS A 123 9.54 0.58 2.54
N VAL B 11 -24.35 14.51 19.13
CA VAL B 11 -23.41 13.80 18.22
C VAL B 11 -23.08 14.69 17.02
N ARG B 12 -21.89 14.47 16.46
CA ARG B 12 -21.32 15.21 15.33
C ARG B 12 -22.14 16.22 14.52
N GLN B 13 -21.60 17.43 14.43
CA GLN B 13 -22.21 18.53 13.71
C GLN B 13 -21.42 18.86 12.44
N VAL B 14 -22.04 19.59 11.53
CA VAL B 14 -21.39 19.98 10.28
C VAL B 14 -20.36 21.05 10.57
N SER B 15 -19.16 20.86 10.03
CA SER B 15 -18.08 21.82 10.26
C SER B 15 -18.29 23.18 9.60
N LYS B 16 -17.83 24.23 10.28
CA LYS B 16 -17.96 25.58 9.76
C LYS B 16 -17.02 25.79 8.57
N HIS B 17 -16.14 24.82 8.33
CA HIS B 17 -15.21 24.91 7.20
C HIS B 17 -15.66 23.95 6.11
N ALA B 18 -16.65 23.12 6.45
CA ALA B 18 -17.18 22.12 5.52
C ALA B 18 -17.43 22.66 4.11
N PHE B 19 -17.93 23.88 4.00
CA PHE B 19 -18.21 24.47 2.70
C PHE B 19 -17.13 25.41 2.20
N SER B 20 -16.51 26.15 3.11
CA SER B 20 -15.46 27.10 2.75
C SER B 20 -14.05 26.52 2.81
N LEU B 21 -13.90 25.23 2.53
CA LEU B 21 -12.59 24.59 2.57
C LEU B 21 -11.80 24.81 1.30
N LYS B 22 -10.65 25.44 1.42
CA LYS B 22 -9.82 25.69 0.25
C LYS B 22 -8.76 24.57 0.16
N GLN B 23 -8.68 23.92 -0.99
CA GLN B 23 -7.71 22.85 -1.18
C GLN B 23 -6.62 23.33 -2.14
N LEU B 24 -5.37 23.02 -1.81
CA LEU B 24 -4.24 23.46 -2.63
C LEU B 24 -4.13 22.78 -3.98
N ASP B 25 -3.47 23.44 -4.92
CA ASP B 25 -3.30 22.92 -6.26
C ASP B 25 -2.23 21.84 -6.31
N ASN B 26 -2.19 21.10 -7.40
CA ASN B 26 -1.22 20.03 -7.57
C ASN B 26 -1.20 19.11 -6.34
N PRO B 27 -2.38 18.60 -5.95
CA PRO B 27 -2.43 17.71 -4.79
C PRO B 27 -1.82 16.36 -5.11
N ALA B 28 -1.26 15.71 -4.10
CA ALA B 28 -0.67 14.39 -4.30
C ALA B 28 -1.78 13.35 -4.44
N ARG B 29 -1.49 12.27 -5.15
CA ARG B 29 -2.44 11.18 -5.31
C ARG B 29 -2.26 10.30 -4.09
N ILE B 30 -3.29 10.19 -3.26
CA ILE B 30 -3.19 9.36 -2.06
C ILE B 30 -3.55 7.91 -2.36
N PRO B 31 -2.63 6.96 -2.05
CA PRO B 31 -2.87 5.54 -2.30
C PRO B 31 -3.95 4.94 -1.38
N PRO B 32 -4.54 3.81 -1.80
CA PRO B 32 -5.59 3.11 -1.05
C PRO B 32 -5.12 2.39 0.22
N CYS B 33 -3.81 2.22 0.38
CA CYS B 33 -3.24 1.55 1.54
C CYS B 33 -1.77 1.89 1.67
N GLY B 34 -1.15 1.39 2.73
CA GLY B 34 0.28 1.59 2.95
C GLY B 34 0.75 2.94 3.45
N TRP B 35 -0.14 3.71 4.05
CA TRP B 35 0.21 5.03 4.54
C TRP B 35 1.16 4.99 5.73
N LYS B 36 1.91 6.09 5.88
CA LYS B 36 2.86 6.25 6.97
C LYS B 36 2.93 7.73 7.32
N CYS B 37 3.17 8.05 8.59
CA CYS B 37 3.30 9.47 8.96
C CYS B 37 4.55 9.96 8.23
N SER B 38 4.48 11.12 7.59
CA SER B 38 5.66 11.63 6.89
C SER B 38 6.74 12.14 7.84
N LYS B 39 6.45 12.20 9.14
CA LYS B 39 7.42 12.68 10.12
C LYS B 39 8.02 11.61 11.03
N CYS B 40 7.34 10.48 11.16
CA CYS B 40 7.86 9.40 11.99
C CYS B 40 7.49 8.03 11.40
N ASP B 41 7.78 6.97 12.12
CA ASP B 41 7.52 5.62 11.63
C ASP B 41 6.10 5.09 11.76
N MET B 42 5.23 5.81 12.47
CA MET B 42 3.87 5.33 12.64
C MET B 42 3.14 4.98 11.34
N ARG B 43 2.38 3.89 11.39
CA ARG B 43 1.61 3.43 10.26
C ARG B 43 0.15 3.27 10.66
N GLU B 44 -0.16 3.68 11.88
CA GLU B 44 -1.51 3.61 12.40
C GLU B 44 -1.85 4.96 13.00
N ASN B 45 -3.14 5.21 13.22
CA ASN B 45 -3.56 6.46 13.80
C ASN B 45 -3.05 7.63 12.96
N LEU B 46 -3.32 7.57 11.66
CA LEU B 46 -2.87 8.59 10.71
C LEU B 46 -4.00 9.48 10.21
N TRP B 47 -3.71 10.76 10.11
CA TRP B 47 -4.69 11.71 9.66
C TRP B 47 -4.28 12.39 8.36
N LEU B 48 -5.23 12.51 7.44
CA LEU B 48 -5.00 13.14 6.14
C LEU B 48 -5.62 14.53 6.22
N ASN B 49 -4.79 15.56 6.11
CA ASN B 49 -5.30 16.93 6.17
C ASN B 49 -5.95 17.21 4.82
N LEU B 50 -7.24 17.55 4.84
CA LEU B 50 -7.97 17.79 3.59
C LEU B 50 -7.51 18.98 2.75
N THR B 51 -6.74 19.89 3.34
CA THR B 51 -6.26 21.04 2.57
C THR B 51 -5.03 20.73 1.73
N ASP B 52 -3.99 20.14 2.34
CA ASP B 52 -2.77 19.85 1.60
C ASP B 52 -2.42 18.39 1.31
N GLY B 53 -3.22 17.46 1.81
CA GLY B 53 -2.94 16.06 1.54
C GLY B 53 -1.84 15.44 2.40
N SER B 54 -1.34 16.19 3.37
CA SER B 54 -0.29 15.67 4.24
C SER B 54 -0.89 14.55 5.12
N ILE B 55 -0.12 13.49 5.33
CA ILE B 55 -0.55 12.35 6.15
C ILE B 55 0.37 12.37 7.37
N LEU B 56 -0.20 12.64 8.55
CA LEU B 56 0.56 12.74 9.81
C LEU B 56 -0.17 12.05 10.97
N CYS B 57 0.58 11.58 11.96
CA CYS B 57 0.02 10.87 13.11
C CYS B 57 -0.75 11.71 14.14
N GLY B 58 -1.68 11.05 14.82
CA GLY B 58 -2.51 11.70 15.82
C GLY B 58 -1.81 12.20 17.05
N ARG B 59 -2.53 13.00 17.83
CA ARG B 59 -1.97 13.59 19.03
C ARG B 59 -1.70 12.57 20.12
N ARG B 60 -0.80 12.92 21.03
CA ARG B 60 -0.46 12.05 22.13
C ARG B 60 -1.29 12.47 23.34
N TYR B 61 -1.74 11.50 24.13
CA TYR B 61 -2.53 11.81 25.31
C TYR B 61 -1.73 11.55 26.58
N PHE B 62 -2.18 12.12 27.69
CA PHE B 62 -1.48 11.99 28.97
C PHE B 62 -1.31 10.54 29.46
N ASP B 63 -2.22 9.66 29.07
CA ASP B 63 -2.10 8.27 29.51
C ASP B 63 -1.11 7.51 28.64
N GLY B 64 -0.51 8.22 27.68
CA GLY B 64 0.47 7.58 26.82
C GLY B 64 -0.08 7.02 25.53
N SER B 65 -1.40 7.08 25.31
CA SER B 65 -1.96 6.54 24.08
C SER B 65 -1.86 7.58 22.96
N GLY B 66 -2.24 7.19 21.75
CA GLY B 66 -2.20 8.11 20.63
C GLY B 66 -0.89 8.10 19.85
N GLY B 67 -0.74 9.03 18.92
CA GLY B 67 0.46 9.10 18.12
C GLY B 67 1.51 10.05 18.67
N ASN B 68 2.23 10.73 17.77
CA ASN B 68 3.27 11.65 18.18
C ASN B 68 3.01 13.15 17.93
N ASN B 69 1.74 13.55 17.87
CA ASN B 69 1.38 14.95 17.68
C ASN B 69 1.77 15.59 16.34
N HIS B 70 2.13 14.81 15.33
CA HIS B 70 2.53 15.43 14.09
C HIS B 70 1.42 16.10 13.29
N ALA B 71 0.23 15.53 13.31
CA ALA B 71 -0.89 16.15 12.58
C ALA B 71 -1.31 17.47 13.24
N VAL B 72 -1.36 17.48 14.57
CA VAL B 72 -1.76 18.71 15.26
C VAL B 72 -0.70 19.79 15.19
N GLU B 73 0.58 19.40 15.18
CA GLU B 73 1.65 20.40 15.08
C GLU B 73 1.58 21.04 13.69
N HIS B 74 1.15 20.26 12.71
CA HIS B 74 1.03 20.76 11.34
C HIS B 74 -0.10 21.80 11.31
N TYR B 75 -1.19 21.52 12.00
CA TYR B 75 -2.29 22.48 12.05
C TYR B 75 -1.79 23.78 12.70
N ARG B 76 -1.07 23.65 13.80
CA ARG B 76 -0.55 24.79 14.52
C ARG B 76 0.29 25.67 13.60
N GLU B 77 0.99 25.04 12.68
CA GLU B 77 1.85 25.72 11.75
C GLU B 77 1.16 26.31 10.53
N THR B 78 0.19 25.58 9.96
CA THR B 78 -0.48 26.02 8.75
C THR B 78 -1.87 26.60 8.89
N GLY B 79 -2.59 26.15 9.91
CA GLY B 79 -3.95 26.61 10.11
C GLY B 79 -4.96 25.80 9.32
N TYR B 80 -4.55 24.73 8.62
CA TYR B 80 -5.50 23.92 7.85
C TYR B 80 -6.28 23.09 8.89
N PRO B 81 -7.56 23.42 9.07
CA PRO B 81 -8.51 22.81 10.01
C PRO B 81 -9.07 21.40 9.90
N LEU B 82 -9.29 20.87 8.70
CA LEU B 82 -9.88 19.54 8.61
C LEU B 82 -8.95 18.39 8.24
N ALA B 83 -9.15 17.26 8.90
CA ALA B 83 -8.38 16.06 8.66
C ALA B 83 -9.29 14.84 8.81
N VAL B 84 -9.05 13.84 7.96
CA VAL B 84 -9.85 12.60 7.99
C VAL B 84 -8.93 11.47 8.44
N LYS B 85 -9.42 10.58 9.28
CA LYS B 85 -8.59 9.48 9.75
C LYS B 85 -8.48 8.37 8.71
N LEU B 86 -7.27 8.06 8.29
CA LEU B 86 -7.07 7.02 7.31
C LEU B 86 -7.48 5.69 7.93
N GLY B 87 -8.14 4.84 7.15
CA GLY B 87 -8.59 3.56 7.68
C GLY B 87 -10.04 3.60 8.12
N THR B 88 -10.67 4.77 8.08
CA THR B 88 -12.08 4.87 8.49
C THR B 88 -12.94 5.30 7.32
N ILE B 89 -12.31 5.50 6.17
CA ILE B 89 -13.06 5.91 4.98
C ILE B 89 -13.79 4.71 4.41
N THR B 90 -15.10 4.86 4.25
CA THR B 90 -15.94 3.80 3.70
C THR B 90 -16.91 4.44 2.71
N PRO B 91 -17.73 3.62 2.03
CA PRO B 91 -18.66 4.22 1.07
C PRO B 91 -19.59 5.22 1.74
N ASP B 92 -19.89 4.97 3.01
CA ASP B 92 -20.80 5.82 3.78
C ASP B 92 -20.20 7.05 4.44
N GLY B 93 -18.91 7.00 4.78
CA GLY B 93 -18.31 8.14 5.43
C GLY B 93 -16.90 7.94 5.96
N ALA B 94 -16.56 8.71 7.00
CA ALA B 94 -15.24 8.63 7.60
C ALA B 94 -15.20 9.48 8.86
N ASP B 95 -14.18 9.26 9.68
CA ASP B 95 -14.01 10.05 10.89
C ASP B 95 -13.27 11.32 10.52
N VAL B 96 -13.97 12.45 10.55
CA VAL B 96 -13.39 13.74 10.21
C VAL B 96 -13.26 14.61 11.46
N TYR B 97 -12.08 15.17 11.65
CA TYR B 97 -11.79 16.01 12.82
C TYR B 97 -11.44 17.43 12.42
N SER B 98 -12.00 18.38 13.17
CA SER B 98 -11.73 19.80 12.94
C SER B 98 -10.92 20.32 14.11
N TYR B 99 -9.71 20.79 13.85
CA TYR B 99 -8.87 21.33 14.90
C TYR B 99 -9.43 22.66 15.42
N ASP B 100 -9.99 23.45 14.53
CA ASP B 100 -10.59 24.74 14.91
C ASP B 100 -11.69 24.55 15.94
N GLU B 101 -12.70 23.76 15.56
CA GLU B 101 -13.83 23.50 16.45
C GLU B 101 -13.50 22.44 17.48
N ASP B 102 -12.32 21.86 17.37
CA ASP B 102 -11.87 20.81 18.29
C ASP B 102 -12.97 19.80 18.58
N ASP B 103 -13.35 19.03 17.57
CA ASP B 103 -14.40 18.04 17.73
C ASP B 103 -14.58 17.25 16.44
N MET B 104 -15.04 16.02 16.56
CA MET B 104 -15.29 15.18 15.39
C MET B 104 -16.47 15.81 14.69
N VAL B 105 -16.30 16.12 13.40
CA VAL B 105 -17.38 16.75 12.67
C VAL B 105 -17.85 15.98 11.45
N LEU B 106 -18.82 16.56 10.77
CA LEU B 106 -19.41 15.99 9.57
C LEU B 106 -19.13 16.94 8.41
N ASP B 107 -18.68 16.39 7.30
CA ASP B 107 -18.38 17.18 6.11
C ASP B 107 -19.18 16.64 4.93
N PRO B 108 -20.35 17.25 4.64
CA PRO B 108 -21.24 16.86 3.54
C PRO B 108 -20.56 16.76 2.19
N SER B 109 -19.45 17.47 2.02
CA SER B 109 -18.72 17.46 0.76
C SER B 109 -17.45 16.61 0.80
N LEU B 110 -17.40 15.68 1.75
CA LEU B 110 -16.24 14.80 1.91
C LEU B 110 -15.84 14.12 0.60
N ALA B 111 -16.82 13.58 -0.11
CA ALA B 111 -16.55 12.88 -1.36
C ALA B 111 -15.79 13.76 -2.35
N GLU B 112 -16.17 15.03 -2.47
CA GLU B 112 -15.48 15.93 -3.38
C GLU B 112 -14.06 16.21 -2.87
N HIS B 113 -13.96 16.50 -1.58
CA HIS B 113 -12.68 16.79 -0.96
C HIS B 113 -11.67 15.65 -1.13
N LEU B 114 -12.12 14.40 -1.02
CA LEU B 114 -11.23 13.27 -1.18
C LEU B 114 -10.87 13.02 -2.64
N SER B 115 -11.80 13.28 -3.55
CA SER B 115 -11.55 13.09 -4.99
C SER B 115 -10.36 13.95 -5.41
N HIS B 116 -10.23 15.09 -4.76
CA HIS B 116 -9.12 16.02 -5.02
C HIS B 116 -7.81 15.24 -4.92
N PHE B 117 -7.77 14.25 -4.04
CA PHE B 117 -6.58 13.44 -3.82
C PHE B 117 -6.60 12.11 -4.58
N GLY B 118 -7.59 11.95 -5.46
CA GLY B 118 -7.69 10.72 -6.23
C GLY B 118 -8.17 9.57 -5.39
N ILE B 119 -8.88 9.89 -4.31
CA ILE B 119 -9.40 8.86 -3.42
C ILE B 119 -10.83 8.49 -3.79
N ASP B 120 -11.06 7.19 -3.94
CA ASP B 120 -12.38 6.68 -4.27
C ASP B 120 -12.94 6.03 -3.02
N MET B 121 -13.93 6.66 -2.40
CA MET B 121 -14.52 6.11 -1.19
C MET B 121 -15.07 4.70 -1.38
N LEU B 122 -15.57 4.41 -2.59
CA LEU B 122 -16.14 3.10 -2.88
C LEU B 122 -15.04 2.07 -3.09
N LYS B 123 -14.19 1.90 -2.07
CA LYS B 123 -13.10 0.94 -2.13
C LYS B 123 -12.06 1.35 -3.17
#